data_1GPT
#
_entry.id   1GPT
#
_cell.length_a   1.000
_cell.length_b   1.000
_cell.length_c   1.000
_cell.angle_alpha   90.00
_cell.angle_beta   90.00
_cell.angle_gamma   90.00
#
_symmetry.space_group_name_H-M   'P 1'
#
_entity_poly.entity_id   1
_entity_poly.type   'polypeptide(L)'
_entity_poly.pdbx_seq_one_letter_code
;RICRRRSAGFKGPCVSNKNCAQVCMQEGWGGGNCDGPLRRCKCMRRC
;
_entity_poly.pdbx_strand_id   A
#
# COMPACT_ATOMS: atom_id res chain seq x y z
N ARG A 1 -15.05 9.38 -0.44
CA ARG A 1 -13.72 9.39 -1.06
C ARG A 1 -12.81 8.20 -0.69
N ILE A 2 -11.95 7.83 -1.63
CA ILE A 2 -10.85 6.90 -1.34
C ILE A 2 -9.53 7.67 -1.19
N CYS A 3 -8.95 7.42 -0.02
CA CYS A 3 -7.68 8.02 0.42
C CYS A 3 -6.51 7.10 0.07
N ARG A 4 -5.45 7.75 -0.42
CA ARG A 4 -4.16 7.12 -0.73
C ARG A 4 -3.11 7.67 0.22
N ARG A 5 -2.60 6.73 1.00
CA ARG A 5 -1.65 6.97 2.08
C ARG A 5 -0.41 6.09 1.87
N ARG A 6 0.77 6.68 2.01
CA ARG A 6 2.03 5.92 1.89
C ARG A 6 2.12 4.79 2.93
N SER A 7 2.37 3.60 2.39
CA SER A 7 2.29 2.31 3.11
C SER A 7 3.29 2.18 4.25
N ALA A 8 2.80 2.45 5.44
CA ALA A 8 3.56 2.38 6.70
C ALA A 8 3.79 0.93 7.14
N GLY A 9 5.08 0.58 7.14
CA GLY A 9 5.56 -0.75 7.53
C GLY A 9 5.96 -1.65 6.34
N PHE A 10 5.82 -1.15 5.11
CA PHE A 10 6.24 -1.90 3.91
C PHE A 10 7.77 -1.90 3.77
N LYS A 11 8.26 -3.10 3.48
CA LYS A 11 9.71 -3.36 3.38
C LYS A 11 10.30 -2.98 2.03
N GLY A 12 10.64 -1.70 2.00
CA GLY A 12 11.41 -1.08 0.90
C GLY A 12 10.58 -0.91 -0.37
N PRO A 13 11.13 -1.38 -1.50
CA PRO A 13 10.49 -1.23 -2.82
C PRO A 13 9.42 -2.27 -3.10
N CYS A 14 8.44 -1.85 -3.90
CA CYS A 14 7.31 -2.72 -4.29
C CYS A 14 7.67 -3.60 -5.50
N VAL A 15 8.46 -4.62 -5.18
CA VAL A 15 8.72 -5.72 -6.13
C VAL A 15 7.53 -6.71 -6.09
N SER A 16 7.08 -7.04 -4.88
CA SER A 16 5.82 -7.78 -4.66
C SER A 16 4.64 -6.87 -4.31
N ASN A 17 3.80 -6.69 -5.33
CA ASN A 17 2.46 -6.08 -5.22
C ASN A 17 1.57 -6.76 -4.18
N LYS A 18 1.63 -8.09 -4.16
CA LYS A 18 0.87 -8.94 -3.23
C LYS A 18 1.15 -8.56 -1.77
N ASN A 19 2.43 -8.39 -1.47
CA ASN A 19 2.86 -7.98 -0.11
C ASN A 19 2.50 -6.54 0.27
N CYS A 20 2.37 -5.65 -0.71
CA CYS A 20 1.79 -4.32 -0.43
C CYS A 20 0.29 -4.36 -0.12
N ALA A 21 -0.47 -5.18 -0.83
CA ALA A 21 -1.89 -5.42 -0.50
C ALA A 21 -2.05 -5.94 0.94
N GLN A 22 -1.19 -6.89 1.31
CA GLN A 22 -1.12 -7.40 2.70
C GLN A 22 -0.73 -6.30 3.70
N VAL A 23 0.40 -5.61 3.51
CA VAL A 23 0.81 -4.52 4.42
C VAL A 23 -0.28 -3.46 4.64
N CYS A 24 -1.03 -3.16 3.59
CA CYS A 24 -2.19 -2.26 3.67
C CYS A 24 -3.35 -2.82 4.50
N MET A 25 -3.73 -4.07 4.24
CA MET A 25 -4.72 -4.80 5.07
C MET A 25 -4.31 -4.99 6.54
N GLN A 26 -3.03 -5.28 6.71
CA GLN A 26 -2.31 -5.38 8.00
C GLN A 26 -2.48 -4.05 8.81
N GLU A 27 -2.36 -2.94 8.09
CA GLU A 27 -2.51 -1.55 8.57
C GLU A 27 -3.95 -1.12 8.86
N GLY A 28 -4.93 -1.86 8.31
CA GLY A 28 -6.37 -1.56 8.39
C GLY A 28 -6.93 -0.83 7.14
N TRP A 29 -6.25 -1.00 6.01
CA TRP A 29 -6.57 -0.35 4.73
C TRP A 29 -7.01 -1.38 3.69
N GLY A 30 -7.96 -0.95 2.87
CA GLY A 30 -8.71 -1.82 1.93
C GLY A 30 -7.79 -2.63 0.99
N GLY A 31 -7.11 -1.88 0.14
CA GLY A 31 -6.14 -2.43 -0.83
C GLY A 31 -4.86 -1.60 -0.79
N GLY A 32 -3.87 -2.08 -1.54
CA GLY A 32 -2.58 -1.39 -1.68
C GLY A 32 -2.22 -1.19 -3.15
N ASN A 33 -1.52 -0.10 -3.36
CA ASN A 33 -1.20 0.46 -4.68
C ASN A 33 0.26 0.88 -4.76
N CYS A 34 0.93 0.47 -5.83
CA CYS A 34 2.37 0.75 -5.97
C CYS A 34 2.60 1.94 -6.91
N ASP A 35 3.34 2.89 -6.35
CA ASP A 35 3.34 4.27 -6.86
C ASP A 35 4.64 4.74 -7.53
N GLY A 36 4.42 5.60 -8.52
CA GLY A 36 5.47 6.28 -9.30
C GLY A 36 6.33 5.24 -10.04
N PRO A 37 7.63 5.13 -9.69
CA PRO A 37 8.52 4.09 -10.27
C PRO A 37 8.39 2.70 -9.64
N LEU A 38 7.28 2.45 -8.93
CA LEU A 38 6.92 1.22 -8.19
C LEU A 38 7.70 1.01 -6.88
N ARG A 39 8.90 1.59 -6.83
CA ARG A 39 9.86 1.51 -5.72
C ARG A 39 9.40 2.14 -4.37
N ARG A 40 8.18 2.63 -4.37
CA ARG A 40 7.46 3.09 -3.17
C ARG A 40 6.01 2.63 -3.25
N CYS A 41 5.48 2.23 -2.09
CA CYS A 41 4.09 1.78 -2.04
C CYS A 41 3.15 2.69 -1.22
N LYS A 42 1.91 2.67 -1.71
CA LYS A 42 0.73 3.30 -1.13
C LYS A 42 -0.35 2.29 -0.75
N CYS A 43 -1.19 2.72 0.16
CA CYS A 43 -2.39 2.01 0.64
C CYS A 43 -3.62 2.88 0.37
N MET A 44 -4.69 2.19 0.01
CA MET A 44 -5.97 2.84 -0.32
C MET A 44 -7.17 2.20 0.38
N ARG A 45 -7.92 3.09 1.03
CA ARG A 45 -9.23 2.74 1.64
C ARG A 45 -10.20 3.93 1.51
N ARG A 46 -11.43 3.65 1.88
CA ARG A 46 -12.46 4.70 2.03
C ARG A 46 -12.17 5.61 3.22
N CYS A 47 -12.42 6.88 2.97
CA CYS A 47 -12.36 7.94 3.97
C CYS A 47 -13.52 8.96 3.86
N ARG A 1 -12.58 11.09 -1.16
CA ARG A 1 -13.04 9.68 -1.11
C ARG A 1 -12.03 8.61 -0.66
N ILE A 2 -10.86 8.66 -1.28
CA ILE A 2 -9.78 7.69 -1.06
C ILE A 2 -8.56 8.42 -0.46
N CYS A 3 -8.25 8.02 0.75
CA CYS A 3 -7.07 8.52 1.49
C CYS A 3 -5.86 7.63 1.18
N ARG A 4 -4.76 8.31 0.90
CA ARG A 4 -3.54 7.68 0.38
C ARG A 4 -2.30 8.02 1.20
N ARG A 5 -1.87 6.99 1.92
CA ARG A 5 -0.74 7.06 2.87
C ARG A 5 0.37 6.07 2.57
N ARG A 6 1.60 6.45 2.91
CA ARG A 6 2.76 5.59 2.64
C ARG A 6 2.90 4.55 3.75
N SER A 7 3.03 3.30 3.32
CA SER A 7 2.93 2.14 4.23
C SER A 7 4.10 1.98 5.23
N ALA A 8 3.85 2.53 6.41
CA ALA A 8 4.70 2.34 7.60
C ALA A 8 4.39 0.96 8.20
N GLY A 9 5.27 0.02 7.85
CA GLY A 9 5.09 -1.40 8.17
C GLY A 9 5.40 -2.34 7.00
N PHE A 10 5.17 -1.86 5.77
CA PHE A 10 5.68 -2.56 4.58
C PHE A 10 7.20 -2.39 4.47
N LYS A 11 7.87 -3.51 4.75
CA LYS A 11 9.33 -3.61 4.71
C LYS A 11 9.81 -4.36 3.47
N GLY A 12 10.19 -3.54 2.50
CA GLY A 12 10.81 -4.01 1.26
C GLY A 12 10.44 -3.12 0.06
N PRO A 13 10.71 -3.61 -1.16
CA PRO A 13 10.24 -2.93 -2.38
C PRO A 13 8.90 -3.52 -2.85
N CYS A 14 8.16 -2.68 -3.57
CA CYS A 14 6.80 -2.99 -4.04
C CYS A 14 6.79 -3.79 -5.36
N VAL A 15 7.75 -4.70 -5.51
CA VAL A 15 7.86 -5.61 -6.66
C VAL A 15 6.74 -6.67 -6.60
N SER A 16 6.50 -7.20 -5.39
CA SER A 16 5.32 -8.02 -5.10
C SER A 16 4.12 -7.14 -4.72
N ASN A 17 3.47 -6.67 -5.78
CA ASN A 17 2.30 -5.76 -5.75
C ASN A 17 1.22 -6.18 -4.73
N LYS A 18 0.90 -7.46 -4.76
CA LYS A 18 -0.16 -8.08 -3.94
C LYS A 18 0.11 -8.04 -2.42
N ASN A 19 1.39 -8.08 -2.08
CA ASN A 19 1.89 -8.03 -0.68
C ASN A 19 1.79 -6.62 -0.07
N CYS A 20 2.12 -5.60 -0.86
CA CYS A 20 1.84 -4.19 -0.52
C CYS A 20 0.35 -3.96 -0.19
N ALA A 21 -0.49 -4.57 -1.04
CA ALA A 21 -1.95 -4.62 -0.85
C ALA A 21 -2.36 -5.37 0.42
N GLN A 22 -1.84 -6.59 0.60
CA GLN A 22 -2.06 -7.41 1.80
C GLN A 22 -1.71 -6.68 3.11
N VAL A 23 -0.46 -6.21 3.27
CA VAL A 23 0.00 -5.50 4.48
C VAL A 23 -0.92 -4.34 4.89
N CYS A 24 -1.48 -3.68 3.89
CA CYS A 24 -2.46 -2.60 4.10
C CYS A 24 -3.89 -3.06 4.45
N MET A 25 -4.37 -4.11 3.79
CA MET A 25 -5.64 -4.77 4.15
C MET A 25 -5.58 -5.36 5.58
N GLN A 26 -4.44 -5.96 5.86
CA GLN A 26 -4.04 -6.50 7.17
C GLN A 26 -4.13 -5.43 8.30
N GLU A 27 -3.81 -4.18 7.94
CA GLU A 27 -3.80 -3.03 8.87
C GLU A 27 -4.91 -1.97 8.62
N GLY A 28 -6.05 -2.41 8.09
CA GLY A 28 -7.26 -1.57 7.93
C GLY A 28 -7.26 -0.54 6.78
N TRP A 29 -6.74 -0.95 5.63
CA TRP A 29 -6.81 -0.20 4.37
C TRP A 29 -7.52 -1.03 3.29
N GLY A 30 -8.20 -0.33 2.39
CA GLY A 30 -8.95 -0.92 1.27
C GLY A 30 -8.07 -1.74 0.32
N GLY A 31 -6.92 -1.14 -0.01
CA GLY A 31 -5.84 -1.77 -0.79
C GLY A 31 -4.51 -1.03 -0.59
N GLY A 32 -3.52 -1.47 -1.35
CA GLY A 32 -2.19 -0.84 -1.39
C GLY A 32 -1.54 -1.01 -2.76
N ASN A 33 -0.83 0.05 -3.12
CA ASN A 33 -0.37 0.28 -4.50
C ASN A 33 1.14 0.53 -4.56
N CYS A 34 1.64 0.24 -5.76
CA CYS A 34 3.05 0.44 -6.12
C CYS A 34 3.20 1.71 -6.95
N ASP A 35 3.29 2.79 -6.20
CA ASP A 35 3.44 4.17 -6.71
C ASP A 35 4.81 4.44 -7.32
N GLY A 36 4.71 4.98 -8.53
CA GLY A 36 5.88 5.44 -9.33
C GLY A 36 6.53 4.22 -9.99
N PRO A 37 7.67 3.75 -9.45
CA PRO A 37 8.23 2.45 -9.86
C PRO A 37 7.61 1.36 -8.96
N LEU A 38 8.28 0.21 -8.89
CA LEU A 38 7.84 -0.92 -8.06
C LEU A 38 8.58 -0.98 -6.72
N ARG A 39 8.70 0.21 -6.11
CA ARG A 39 9.42 0.35 -4.82
C ARG A 39 8.63 1.04 -3.70
N ARG A 40 7.81 2.02 -4.07
CA ARG A 40 7.05 2.84 -3.11
C ARG A 40 5.63 2.28 -2.96
N CYS A 41 5.44 1.65 -1.81
CA CYS A 41 4.13 1.16 -1.38
C CYS A 41 3.35 2.26 -0.63
N LYS A 42 2.41 2.81 -1.39
CA LYS A 42 1.44 3.79 -0.89
C LYS A 42 0.07 3.09 -0.90
N CYS A 43 -0.66 3.26 0.19
CA CYS A 43 -1.91 2.52 0.42
C CYS A 43 -3.16 3.40 0.40
N MET A 44 -4.24 2.72 0.05
CA MET A 44 -5.52 3.35 -0.27
C MET A 44 -6.62 2.86 0.67
N ARG A 45 -7.31 3.82 1.28
CA ARG A 45 -8.51 3.54 2.09
C ARG A 45 -9.71 4.44 1.74
N ARG A 46 -10.82 3.95 2.26
CA ARG A 46 -12.14 4.55 2.23
C ARG A 46 -12.24 5.65 3.31
N CYS A 47 -12.39 6.89 2.86
CA CYS A 47 -12.55 8.04 3.76
C CYS A 47 -13.60 9.08 3.30
N ARG A 1 -11.64 12.34 0.23
CA ARG A 1 -12.30 11.27 1.02
C ARG A 1 -11.51 9.98 1.27
N ILE A 2 -10.64 9.68 0.32
CA ILE A 2 -9.75 8.50 0.38
C ILE A 2 -8.30 8.95 0.64
N CYS A 3 -7.70 8.28 1.62
CA CYS A 3 -6.28 8.45 1.94
C CYS A 3 -5.45 7.55 1.01
N ARG A 4 -4.53 8.17 0.29
CA ARG A 4 -3.59 7.45 -0.57
C ARG A 4 -2.16 7.65 -0.07
N ARG A 5 -1.87 6.76 0.87
CA ARG A 5 -0.72 6.88 1.79
C ARG A 5 0.08 5.57 1.74
N ARG A 6 1.33 5.66 2.15
CA ARG A 6 2.17 4.45 2.24
C ARG A 6 1.78 3.62 3.47
N SER A 7 1.45 2.38 3.15
CA SER A 7 1.06 1.31 4.08
C SER A 7 1.97 1.26 5.32
N ALA A 8 1.33 1.40 6.48
CA ALA A 8 2.01 1.42 7.78
C ALA A 8 2.56 0.02 8.10
N GLY A 9 3.87 -0.07 7.87
CA GLY A 9 4.63 -1.32 8.04
C GLY A 9 5.39 -1.70 6.77
N PHE A 10 4.74 -1.59 5.61
CA PHE A 10 5.39 -1.95 4.34
C PHE A 10 6.31 -0.84 3.85
N LYS A 11 7.54 -1.28 3.64
CA LYS A 11 8.67 -0.41 3.30
C LYS A 11 9.63 -1.02 2.28
N GLY A 12 10.13 -0.11 1.44
CA GLY A 12 11.29 -0.36 0.57
C GLY A 12 10.93 -0.67 -0.89
N PRO A 13 11.88 -1.27 -1.63
CA PRO A 13 11.72 -1.59 -3.06
C PRO A 13 10.80 -2.81 -3.26
N CYS A 14 9.54 -2.50 -3.53
CA CYS A 14 8.48 -3.51 -3.62
C CYS A 14 8.32 -4.13 -5.02
N VAL A 15 9.18 -5.12 -5.23
CA VAL A 15 9.05 -6.09 -6.34
C VAL A 15 7.73 -6.90 -6.32
N SER A 16 7.29 -7.26 -5.12
CA SER A 16 6.03 -8.02 -4.96
C SER A 16 4.88 -7.12 -4.51
N ASN A 17 4.23 -6.60 -5.55
CA ASN A 17 3.00 -5.80 -5.45
C ASN A 17 1.90 -6.46 -4.61
N LYS A 18 1.77 -7.77 -4.79
CA LYS A 18 0.82 -8.63 -4.05
C LYS A 18 0.94 -8.57 -2.54
N ASN A 19 2.17 -8.69 -2.07
CA ASN A 19 2.48 -8.58 -0.64
C ASN A 19 2.12 -7.21 -0.04
N CYS A 20 2.29 -6.15 -0.83
CA CYS A 20 1.83 -4.79 -0.44
C CYS A 20 0.31 -4.73 -0.27
N ALA A 21 -0.42 -5.22 -1.29
CA ALA A 21 -1.90 -5.30 -1.29
C ALA A 21 -2.41 -6.07 -0.07
N GLN A 22 -1.80 -7.24 0.18
CA GLN A 22 -2.07 -8.06 1.38
C GLN A 22 -1.83 -7.27 2.68
N VAL A 23 -0.64 -6.70 2.86
CA VAL A 23 -0.28 -5.89 4.05
C VAL A 23 -1.28 -4.74 4.31
N CYS A 24 -1.67 -4.08 3.22
CA CYS A 24 -2.70 -3.02 3.27
C CYS A 24 -4.07 -3.54 3.74
N MET A 25 -4.51 -4.64 3.14
CA MET A 25 -5.72 -5.38 3.57
C MET A 25 -5.65 -5.91 5.01
N GLN A 26 -4.48 -6.46 5.37
CA GLN A 26 -4.17 -7.02 6.69
C GLN A 26 -4.36 -5.95 7.79
N GLU A 27 -3.89 -4.75 7.47
CA GLU A 27 -4.00 -3.54 8.31
C GLU A 27 -5.42 -2.98 8.50
N GLY A 28 -6.31 -3.27 7.54
CA GLY A 28 -7.65 -2.67 7.48
C GLY A 28 -7.89 -1.77 6.25
N TRP A 29 -6.81 -1.38 5.58
CA TRP A 29 -6.85 -0.51 4.38
C TRP A 29 -7.49 -1.26 3.21
N GLY A 30 -8.19 -0.50 2.37
CA GLY A 30 -9.00 -1.00 1.23
C GLY A 30 -8.18 -1.41 0.00
N GLY A 31 -7.03 -2.01 0.26
CA GLY A 31 -6.09 -2.55 -0.74
C GLY A 31 -5.16 -1.45 -1.28
N GLY A 32 -4.31 -1.84 -2.22
CA GLY A 32 -3.40 -0.90 -2.92
C GLY A 32 -2.27 -1.50 -3.75
N ASN A 33 -1.31 -0.62 -4.01
CA ASN A 33 -0.34 -0.74 -5.11
C ASN A 33 1.12 -0.44 -4.68
N CYS A 34 2.05 -1.02 -5.42
CA CYS A 34 3.46 -0.58 -5.42
C CYS A 34 3.76 0.29 -6.63
N ASP A 35 3.81 1.58 -6.31
CA ASP A 35 3.79 2.69 -7.27
C ASP A 35 5.18 3.14 -7.73
N GLY A 36 5.26 3.24 -9.06
CA GLY A 36 6.40 3.72 -9.87
C GLY A 36 7.75 3.86 -9.12
N PRO A 37 8.11 5.06 -8.65
CA PRO A 37 9.42 5.31 -8.03
C PRO A 37 9.52 4.63 -6.65
N LEU A 38 10.62 3.90 -6.60
CA LEU A 38 11.06 2.99 -5.51
C LEU A 38 10.20 1.73 -5.39
N ARG A 39 9.11 1.69 -6.15
CA ARG A 39 7.96 0.76 -6.00
C ARG A 39 7.42 0.86 -4.56
N ARG A 40 6.84 2.04 -4.34
CA ARG A 40 6.32 2.40 -3.01
C ARG A 40 4.90 1.89 -2.78
N CYS A 41 4.72 1.38 -1.57
CA CYS A 41 3.49 0.68 -1.16
C CYS A 41 2.39 1.66 -0.70
N LYS A 42 1.81 2.27 -1.73
CA LYS A 42 0.77 3.29 -1.58
C LYS A 42 -0.61 2.66 -1.83
N CYS A 43 -1.39 2.76 -0.77
CA CYS A 43 -2.68 2.05 -0.63
C CYS A 43 -3.83 3.00 -0.27
N MET A 44 -5.03 2.42 -0.21
CA MET A 44 -6.29 3.17 -0.07
C MET A 44 -6.90 3.01 1.33
N ARG A 45 -7.24 4.15 1.89
CA ARG A 45 -7.90 4.25 3.21
C ARG A 45 -9.06 5.26 3.18
N ARG A 46 -9.70 5.44 4.32
CA ARG A 46 -10.73 6.47 4.53
C ARG A 46 -10.09 7.70 5.23
N CYS A 47 -10.27 8.85 4.60
CA CYS A 47 -9.69 10.13 5.08
C CYS A 47 -10.72 11.10 5.70
N ARG A 1 -14.39 7.50 -1.57
CA ARG A 1 -13.11 8.17 -1.83
C ARG A 1 -11.91 7.50 -1.16
N ILE A 2 -10.78 7.62 -1.86
CA ILE A 2 -9.57 6.84 -1.52
C ILE A 2 -8.38 7.76 -1.17
N CYS A 3 -8.06 7.68 0.10
CA CYS A 3 -6.86 8.30 0.69
C CYS A 3 -5.67 7.36 0.52
N ARG A 4 -4.48 7.93 0.32
CA ARG A 4 -3.26 7.13 0.11
C ARG A 4 -2.11 7.52 1.04
N ARG A 5 -1.73 6.52 1.80
CA ARG A 5 -0.60 6.63 2.75
C ARG A 5 0.56 5.71 2.42
N ARG A 6 1.71 6.37 2.33
CA ARG A 6 2.97 5.75 1.90
C ARG A 6 3.40 4.61 2.82
N SER A 7 3.62 3.48 2.15
CA SER A 7 4.03 2.17 2.68
C SER A 7 3.69 1.93 4.16
N ALA A 8 2.38 1.94 4.40
CA ALA A 8 1.77 1.76 5.73
C ALA A 8 1.91 0.32 6.22
N GLY A 9 3.00 0.14 6.97
CA GLY A 9 3.40 -1.17 7.54
C GLY A 9 4.34 -1.95 6.60
N PHE A 10 4.16 -1.75 5.30
CA PHE A 10 5.01 -2.36 4.27
C PHE A 10 6.43 -1.78 4.30
N LYS A 11 7.36 -2.70 4.06
CA LYS A 11 8.79 -2.39 3.98
C LYS A 11 9.42 -2.79 2.65
N GLY A 12 9.76 -1.74 1.95
CA GLY A 12 10.58 -1.83 0.74
C GLY A 12 9.80 -1.68 -0.57
N PRO A 13 10.48 -2.00 -1.68
CA PRO A 13 9.96 -1.74 -3.03
C PRO A 13 8.76 -2.61 -3.40
N CYS A 14 7.89 -2.01 -4.21
CA CYS A 14 6.65 -2.65 -4.68
C CYS A 14 6.91 -3.56 -5.87
N VAL A 15 7.40 -4.73 -5.52
CA VAL A 15 7.51 -5.89 -6.44
C VAL A 15 6.11 -6.50 -6.65
N SER A 16 5.34 -6.57 -5.57
CA SER A 16 3.97 -7.10 -5.57
C SER A 16 2.98 -6.11 -4.96
N ASN A 17 2.15 -5.54 -5.84
CA ASN A 17 0.94 -4.79 -5.43
C ASN A 17 0.01 -5.61 -4.53
N LYS A 18 -0.07 -6.90 -4.84
CA LYS A 18 -0.84 -7.88 -4.06
C LYS A 18 -0.39 -7.98 -2.59
N ASN A 19 0.91 -8.09 -2.35
CA ASN A 19 1.46 -8.14 -0.97
C ASN A 19 1.45 -6.78 -0.25
N CYS A 20 1.60 -5.70 -1.01
CA CYS A 20 1.30 -4.32 -0.54
C CYS A 20 -0.14 -4.22 0.00
N ALA A 21 -1.07 -4.73 -0.80
CA ALA A 21 -2.50 -4.85 -0.44
C ALA A 21 -2.73 -5.71 0.81
N GLN A 22 -2.17 -6.92 0.82
CA GLN A 22 -2.24 -7.84 1.96
C GLN A 22 -1.77 -7.17 3.26
N VAL A 23 -0.51 -6.73 3.30
CA VAL A 23 0.10 -6.05 4.47
C VAL A 23 -0.80 -4.92 5.02
N CYS A 24 -1.34 -4.12 4.11
CA CYS A 24 -2.19 -2.98 4.50
C CYS A 24 -3.58 -3.36 5.02
N MET A 25 -4.20 -4.35 4.38
CA MET A 25 -5.44 -5.00 4.86
C MET A 25 -5.28 -5.72 6.20
N GLN A 26 -4.18 -6.47 6.28
CA GLN A 26 -3.68 -7.15 7.50
C GLN A 26 -3.54 -6.14 8.66
N GLU A 27 -3.15 -4.90 8.30
CA GLU A 27 -3.04 -3.75 9.21
C GLU A 27 -4.22 -2.74 9.15
N GLY A 28 -5.40 -3.19 8.71
CA GLY A 28 -6.65 -2.42 8.75
C GLY A 28 -7.08 -1.76 7.42
N TRP A 29 -6.11 -1.17 6.72
CA TRP A 29 -6.32 -0.36 5.50
C TRP A 29 -7.11 -1.09 4.40
N GLY A 30 -7.94 -0.29 3.71
CA GLY A 30 -8.87 -0.73 2.66
C GLY A 30 -8.21 -0.96 1.28
N GLY A 31 -7.09 -1.68 1.32
CA GLY A 31 -6.28 -2.04 0.15
C GLY A 31 -4.92 -1.34 0.17
N GLY A 32 -4.15 -1.62 -0.87
CA GLY A 32 -2.79 -1.09 -1.03
C GLY A 32 -2.34 -1.05 -2.50
N ASN A 33 -2.17 0.18 -2.95
CA ASN A 33 -1.71 0.49 -4.31
C ASN A 33 -0.20 0.80 -4.26
N CYS A 34 0.40 1.13 -5.40
CA CYS A 34 1.83 1.46 -5.45
C CYS A 34 2.13 2.77 -6.19
N ASP A 35 2.98 3.55 -5.54
CA ASP A 35 3.40 4.89 -6.02
C ASP A 35 4.02 4.77 -7.41
N GLY A 36 3.44 5.54 -8.32
CA GLY A 36 3.82 5.59 -9.76
C GLY A 36 5.34 5.66 -9.95
N PRO A 37 6.00 6.73 -9.48
CA PRO A 37 7.46 6.76 -9.34
C PRO A 37 7.86 6.11 -8.02
N LEU A 38 9.17 5.94 -7.89
CA LEU A 38 9.90 5.29 -6.77
C LEU A 38 9.64 3.79 -6.63
N ARG A 39 8.46 3.37 -7.08
CA ARG A 39 7.96 1.98 -7.11
C ARG A 39 7.92 1.40 -5.68
N ARG A 40 7.11 2.08 -4.88
CA ARG A 40 6.93 1.78 -3.46
C ARG A 40 5.44 1.77 -3.11
N CYS A 41 5.08 0.86 -2.22
CA CYS A 41 3.70 0.67 -1.73
C CYS A 41 3.11 1.95 -1.13
N LYS A 42 1.85 2.18 -1.47
CA LYS A 42 1.06 3.33 -1.00
C LYS A 42 -0.40 2.90 -0.84
N CYS A 43 -0.81 2.82 0.42
CA CYS A 43 -2.02 2.08 0.81
C CYS A 43 -3.29 2.93 0.87
N MET A 44 -4.39 2.24 0.66
CA MET A 44 -5.66 2.87 0.29
C MET A 44 -6.66 2.88 1.45
N ARG A 45 -7.24 4.06 1.60
CA ARG A 45 -8.23 4.33 2.66
C ARG A 45 -9.57 4.86 2.17
N ARG A 46 -10.56 4.06 2.55
CA ARG A 46 -11.99 4.40 2.70
C ARG A 46 -12.12 5.73 3.49
N CYS A 47 -12.32 6.81 2.74
CA CYS A 47 -12.46 8.16 3.32
C CYS A 47 -13.49 9.07 2.61
N ARG A 1 -14.32 7.85 -0.45
CA ARG A 1 -13.02 8.49 -0.75
C ARG A 1 -11.83 7.59 -0.36
N ILE A 2 -10.81 7.66 -1.21
CA ILE A 2 -9.54 6.96 -0.95
C ILE A 2 -8.54 8.02 -0.43
N CYS A 3 -7.98 7.65 0.71
CA CYS A 3 -6.88 8.38 1.36
C CYS A 3 -5.58 7.59 1.16
N ARG A 4 -4.50 8.32 0.88
CA ARG A 4 -3.24 7.68 0.45
C ARG A 4 -1.99 8.09 1.21
N ARG A 5 -1.41 7.05 1.77
CA ARG A 5 -0.20 7.11 2.60
C ARG A 5 0.88 6.13 2.12
N ARG A 6 2.10 6.65 2.10
CA ARG A 6 3.30 5.85 1.77
C ARG A 6 3.62 4.82 2.85
N SER A 7 3.83 3.62 2.33
CA SER A 7 4.11 2.34 3.02
C SER A 7 3.59 2.21 4.46
N ALA A 8 2.25 2.20 4.52
CA ALA A 8 1.50 2.09 5.79
C ALA A 8 1.45 0.64 6.31
N GLY A 9 2.47 0.37 7.13
CA GLY A 9 2.69 -0.96 7.74
C GLY A 9 3.81 -1.72 7.00
N PHE A 10 3.78 -1.57 5.67
CA PHE A 10 4.75 -2.16 4.73
C PHE A 10 6.15 -1.54 4.88
N LYS A 11 7.12 -2.43 4.74
CA LYS A 11 8.55 -2.08 4.78
C LYS A 11 9.08 -1.48 3.47
N GLY A 12 9.24 -0.17 3.53
CA GLY A 12 9.97 0.61 2.50
C GLY A 12 9.33 0.57 1.11
N PRO A 13 10.14 0.37 0.08
CA PRO A 13 9.65 0.24 -1.31
C PRO A 13 9.06 -1.14 -1.61
N CYS A 14 8.20 -1.12 -2.62
CA CYS A 14 7.37 -2.28 -2.99
C CYS A 14 8.10 -3.28 -3.90
N VAL A 15 7.92 -4.53 -3.50
CA VAL A 15 8.43 -5.71 -4.23
C VAL A 15 7.37 -6.73 -4.67
N SER A 16 6.17 -6.62 -4.07
CA SER A 16 4.98 -7.41 -4.45
C SER A 16 3.73 -6.54 -4.27
N ASN A 17 3.10 -6.25 -5.41
CA ASN A 17 1.84 -5.47 -5.47
C ASN A 17 0.73 -6.09 -4.61
N LYS A 18 0.60 -7.42 -4.73
CA LYS A 18 -0.28 -8.24 -3.88
C LYS A 18 0.01 -8.05 -2.38
N ASN A 19 1.28 -8.20 -2.00
CA ASN A 19 1.68 -8.05 -0.58
C ASN A 19 1.51 -6.65 0.01
N CYS A 20 1.80 -5.61 -0.79
CA CYS A 20 1.52 -4.21 -0.40
C CYS A 20 0.04 -3.96 -0.11
N ALA A 21 -0.82 -4.47 -0.99
CA ALA A 21 -2.27 -4.46 -0.80
C ALA A 21 -2.72 -5.21 0.46
N GLN A 22 -2.24 -6.45 0.61
CA GLN A 22 -2.59 -7.29 1.77
C GLN A 22 -2.18 -6.67 3.11
N VAL A 23 -0.89 -6.36 3.28
CA VAL A 23 -0.36 -5.77 4.52
C VAL A 23 -1.14 -4.51 4.96
N CYS A 24 -1.40 -3.63 4.01
CA CYS A 24 -2.19 -2.42 4.26
C CYS A 24 -3.64 -2.69 4.66
N MET A 25 -4.31 -3.58 3.92
CA MET A 25 -5.66 -4.10 4.24
C MET A 25 -5.71 -4.77 5.62
N GLN A 26 -4.73 -5.63 5.87
CA GLN A 26 -4.51 -6.38 7.12
C GLN A 26 -4.45 -5.42 8.34
N GLU A 27 -3.80 -4.28 8.10
CA GLU A 27 -3.65 -3.18 9.08
C GLU A 27 -4.66 -2.01 8.90
N GLY A 28 -5.88 -2.35 8.50
CA GLY A 28 -7.02 -1.40 8.48
C GLY A 28 -7.37 -0.88 7.08
N TRP A 29 -6.35 -0.31 6.44
CA TRP A 29 -6.42 0.49 5.19
C TRP A 29 -7.61 0.25 4.24
N GLY A 30 -7.63 -0.95 3.68
CA GLY A 30 -8.55 -1.30 2.58
C GLY A 30 -7.79 -1.93 1.39
N GLY A 31 -6.66 -1.31 1.06
CA GLY A 31 -5.74 -1.83 0.03
C GLY A 31 -4.41 -1.10 0.02
N GLY A 32 -3.76 -1.23 -1.12
CA GLY A 32 -2.41 -0.70 -1.35
C GLY A 32 -2.00 -0.85 -2.81
N ASN A 33 -1.25 0.17 -3.21
CA ASN A 33 -0.82 0.38 -4.59
C ASN A 33 0.71 0.49 -4.62
N CYS A 34 1.27 0.09 -5.75
CA CYS A 34 2.71 0.19 -6.03
C CYS A 34 2.92 1.03 -7.29
N ASP A 35 3.28 2.27 -6.99
CA ASP A 35 3.20 3.44 -7.88
C ASP A 35 4.42 4.36 -7.72
N GLY A 36 4.54 5.30 -8.64
CA GLY A 36 5.47 6.44 -8.51
C GLY A 36 6.55 6.35 -9.61
N PRO A 37 7.81 6.65 -9.28
CA PRO A 37 8.95 6.40 -10.21
C PRO A 37 9.04 4.90 -10.51
N LEU A 38 9.21 4.11 -9.45
CA LEU A 38 9.17 2.64 -9.55
C LEU A 38 8.02 2.04 -8.74
N ARG A 39 8.32 1.57 -7.53
CA ARG A 39 7.36 0.85 -6.68
C ARG A 39 7.43 1.35 -5.25
N ARG A 40 6.67 2.41 -5.06
CA ARG A 40 6.37 2.93 -3.72
C ARG A 40 5.01 2.39 -3.32
N CYS A 41 5.01 1.71 -2.17
CA CYS A 41 3.81 1.08 -1.60
C CYS A 41 2.90 2.13 -0.97
N LYS A 42 2.29 2.94 -1.83
CA LYS A 42 1.35 3.98 -1.39
C LYS A 42 -0.05 3.37 -1.26
N CYS A 43 -0.39 3.18 0.00
CA CYS A 43 -1.58 2.43 0.44
C CYS A 43 -2.86 3.26 0.53
N MET A 44 -3.96 2.51 0.47
CA MET A 44 -5.30 3.04 0.14
C MET A 44 -6.32 2.76 1.26
N ARG A 45 -6.71 3.87 1.87
CA ARG A 45 -7.68 3.92 2.98
C ARG A 45 -9.06 4.34 2.48
N ARG A 46 -9.98 3.43 2.79
CA ARG A 46 -11.44 3.60 2.64
C ARG A 46 -11.95 4.63 3.67
N CYS A 47 -11.84 5.90 3.30
CA CYS A 47 -12.17 7.02 4.19
C CYS A 47 -13.48 7.76 3.84
N ARG A 1 -13.79 9.76 -1.56
CA ARG A 1 -12.33 10.01 -1.52
C ARG A 1 -11.51 8.83 -0.99
N ILE A 2 -10.60 8.39 -1.85
CA ILE A 2 -9.58 7.41 -1.48
C ILE A 2 -8.28 8.19 -1.23
N CYS A 3 -7.68 7.82 -0.11
CA CYS A 3 -6.35 8.31 0.30
C CYS A 3 -5.29 7.29 -0.08
N ARG A 4 -4.28 7.87 -0.70
CA ARG A 4 -3.12 7.20 -1.29
C ARG A 4 -1.88 7.56 -0.49
N ARG A 5 -1.63 6.73 0.51
CA ARG A 5 -0.56 6.98 1.49
C ARG A 5 0.56 5.95 1.40
N ARG A 6 1.77 6.44 1.58
CA ARG A 6 2.98 5.61 1.69
C ARG A 6 2.80 4.46 2.70
N SER A 7 3.03 3.27 2.13
CA SER A 7 2.68 1.96 2.69
C SER A 7 2.82 1.72 4.20
N ALA A 8 1.66 1.85 4.84
CA ALA A 8 1.42 1.43 6.24
C ALA A 8 1.85 -0.03 6.47
N GLY A 9 2.77 -0.17 7.43
CA GLY A 9 3.43 -1.45 7.78
C GLY A 9 4.57 -1.84 6.82
N PHE A 10 4.28 -1.72 5.53
CA PHE A 10 5.13 -2.18 4.41
C PHE A 10 6.29 -1.24 4.09
N LYS A 11 7.42 -1.89 3.81
CA LYS A 11 8.67 -1.25 3.38
C LYS A 11 9.48 -2.26 2.56
N GLY A 12 10.23 -1.72 1.61
CA GLY A 12 11.00 -2.54 0.65
C GLY A 12 10.53 -2.39 -0.81
N PRO A 13 11.31 -2.93 -1.76
CA PRO A 13 11.01 -2.85 -3.21
C PRO A 13 9.83 -3.73 -3.62
N CYS A 14 8.71 -3.06 -3.82
CA CYS A 14 7.46 -3.70 -4.30
C CYS A 14 7.57 -4.14 -5.76
N VAL A 15 7.88 -5.43 -5.85
CA VAL A 15 7.67 -6.22 -7.09
C VAL A 15 6.46 -7.17 -6.99
N SER A 16 5.88 -7.23 -5.80
CA SER A 16 4.68 -8.01 -5.49
C SER A 16 3.59 -7.15 -4.86
N ASN A 17 2.72 -6.74 -5.75
CA ASN A 17 1.56 -5.88 -5.45
C ASN A 17 0.56 -6.51 -4.47
N LYS A 18 0.32 -7.80 -4.66
CA LYS A 18 -0.49 -8.62 -3.74
C LYS A 18 0.04 -8.61 -2.30
N ASN A 19 1.37 -8.67 -2.14
CA ASN A 19 1.98 -8.60 -0.79
C ASN A 19 1.83 -7.26 -0.08
N CYS A 20 1.94 -6.15 -0.81
CA CYS A 20 1.63 -4.82 -0.23
C CYS A 20 0.15 -4.70 0.15
N ALA A 21 -0.73 -5.08 -0.78
CA ALA A 21 -2.19 -5.14 -0.55
C ALA A 21 -2.55 -5.89 0.73
N GLN A 22 -1.94 -7.05 0.90
CA GLN A 22 -2.06 -7.86 2.14
C GLN A 22 -1.57 -7.04 3.35
N VAL A 23 -0.30 -6.67 3.39
CA VAL A 23 0.30 -5.98 4.55
C VAL A 23 -0.49 -4.72 4.99
N CYS A 24 -0.95 -3.94 4.02
CA CYS A 24 -1.82 -2.78 4.29
C CYS A 24 -3.21 -3.10 4.87
N MET A 25 -3.89 -4.11 4.32
CA MET A 25 -5.14 -4.65 4.91
C MET A 25 -4.91 -5.31 6.27
N GLN A 26 -3.78 -6.03 6.37
CA GLN A 26 -3.28 -6.69 7.58
C GLN A 26 -3.11 -5.67 8.73
N GLU A 27 -2.80 -4.43 8.34
CA GLU A 27 -2.63 -3.27 9.23
C GLU A 27 -3.93 -2.49 9.54
N GLY A 28 -4.90 -2.52 8.63
CA GLY A 28 -6.09 -1.66 8.71
C GLY A 28 -6.51 -0.98 7.39
N TRP A 29 -5.54 -0.63 6.54
CA TRP A 29 -5.81 0.11 5.28
C TRP A 29 -6.40 -0.83 4.24
N GLY A 30 -7.57 -0.39 3.75
CA GLY A 30 -8.48 -1.20 2.92
C GLY A 30 -8.07 -1.37 1.45
N GLY A 31 -6.82 -1.77 1.27
CA GLY A 31 -6.19 -2.02 -0.04
C GLY A 31 -4.80 -1.38 -0.09
N GLY A 32 -3.95 -1.95 -0.93
CA GLY A 32 -2.60 -1.39 -1.15
C GLY A 32 -2.06 -1.71 -2.52
N ASN A 33 -1.52 -0.65 -3.11
CA ASN A 33 -1.11 -0.66 -4.51
C ASN A 33 0.29 -0.04 -4.66
N CYS A 34 1.03 -0.60 -5.60
CA CYS A 34 2.41 -0.15 -5.84
C CYS A 34 2.44 0.84 -7.00
N ASP A 35 2.16 2.07 -6.57
CA ASP A 35 2.06 3.27 -7.42
C ASP A 35 2.87 4.43 -6.85
N GLY A 36 3.13 5.41 -7.72
CA GLY A 36 3.88 6.65 -7.38
C GLY A 36 5.40 6.43 -7.32
N PRO A 37 5.96 6.18 -6.12
CA PRO A 37 7.34 5.66 -5.99
C PRO A 37 7.48 4.25 -6.59
N LEU A 38 6.38 3.49 -6.55
CA LEU A 38 6.17 2.17 -7.19
C LEU A 38 6.80 1.05 -6.35
N ARG A 39 8.11 1.18 -6.22
CA ARG A 39 8.96 0.31 -5.39
C ARG A 39 8.65 0.52 -3.90
N ARG A 40 8.43 1.77 -3.52
CA ARG A 40 7.76 2.06 -2.25
C ARG A 40 6.27 2.27 -2.56
N CYS A 41 5.52 1.31 -2.03
CA CYS A 41 4.06 1.19 -2.21
C CYS A 41 3.26 2.36 -1.60
N LYS A 42 2.11 2.59 -2.22
CA LYS A 42 1.13 3.61 -1.80
C LYS A 42 -0.25 2.95 -1.60
N CYS A 43 -0.61 2.79 -0.33
CA CYS A 43 -1.82 2.07 0.07
C CYS A 43 -3.09 2.92 0.05
N MET A 44 -4.19 2.20 -0.04
CA MET A 44 -5.52 2.77 -0.32
C MET A 44 -6.49 2.50 0.84
N ARG A 45 -7.13 3.58 1.25
CA ARG A 45 -8.36 3.51 2.07
C ARG A 45 -9.24 4.75 1.90
N ARG A 46 -10.53 4.52 2.13
CA ARG A 46 -11.53 5.58 2.31
C ARG A 46 -11.15 6.61 3.37
N CYS A 47 -11.31 7.85 2.95
CA CYS A 47 -11.08 9.04 3.78
C CYS A 47 -12.08 10.19 3.51
N ARG A 1 -14.88 10.12 0.01
CA ARG A 1 -13.44 10.41 0.19
C ARG A 1 -12.56 9.19 0.50
N ILE A 2 -11.62 8.99 -0.42
CA ILE A 2 -10.66 7.89 -0.34
C ILE A 2 -9.24 8.47 -0.35
N CYS A 3 -8.54 8.07 0.69
CA CYS A 3 -7.14 8.46 0.92
C CYS A 3 -6.18 7.50 0.22
N ARG A 4 -5.29 8.13 -0.55
CA ARG A 4 -4.28 7.44 -1.35
C ARG A 4 -2.90 7.74 -0.75
N ARG A 5 -2.63 6.92 0.25
CA ARG A 5 -1.56 7.19 1.21
C ARG A 5 -0.52 6.06 1.22
N ARG A 6 0.72 6.47 1.47
CA ARG A 6 1.84 5.53 1.58
C ARG A 6 1.68 4.58 2.77
N SER A 7 1.71 3.31 2.38
CA SER A 7 1.44 2.16 3.27
C SER A 7 2.55 1.99 4.33
N ALA A 8 2.31 2.67 5.44
CA ALA A 8 3.21 2.70 6.60
C ALA A 8 3.31 1.30 7.22
N GLY A 9 4.56 0.86 7.34
CA GLY A 9 4.90 -0.49 7.81
C GLY A 9 5.57 -1.36 6.73
N PHE A 10 5.20 -1.13 5.47
CA PHE A 10 5.80 -1.84 4.32
C PHE A 10 7.27 -1.46 4.13
N LYS A 11 8.11 -2.51 4.16
CA LYS A 11 9.56 -2.37 3.92
C LYS A 11 10.02 -3.28 2.77
N GLY A 12 10.57 -2.61 1.76
CA GLY A 12 11.25 -3.28 0.64
C GLY A 12 10.72 -2.88 -0.76
N PRO A 13 10.97 -3.72 -1.77
CA PRO A 13 10.41 -3.52 -3.12
C PRO A 13 9.02 -4.13 -3.30
N CYS A 14 8.04 -3.27 -3.56
CA CYS A 14 6.65 -3.69 -3.84
C CYS A 14 6.39 -4.34 -5.22
N VAL A 15 7.46 -4.77 -5.87
CA VAL A 15 7.47 -5.40 -7.21
C VAL A 15 6.42 -6.50 -7.43
N SER A 16 6.16 -7.27 -6.36
CA SER A 16 5.22 -8.42 -6.36
C SER A 16 3.73 -8.05 -6.37
N ASN A 17 3.41 -6.82 -5.94
CA ASN A 17 2.08 -6.27 -5.62
C ASN A 17 1.33 -6.96 -4.47
N LYS A 18 1.50 -8.28 -4.40
CA LYS A 18 0.87 -9.16 -3.39
C LYS A 18 1.22 -8.74 -1.95
N ASN A 19 2.52 -8.58 -1.71
CA ASN A 19 3.04 -8.17 -0.38
C ASN A 19 2.57 -6.76 0.03
N CYS A 20 2.56 -5.85 -0.93
CA CYS A 20 2.06 -4.47 -0.78
C CYS A 20 0.57 -4.42 -0.41
N ALA A 21 -0.22 -5.26 -1.09
CA ALA A 21 -1.65 -5.46 -0.79
C ALA A 21 -1.90 -6.09 0.58
N GLN A 22 -1.23 -7.22 0.87
CA GLN A 22 -1.29 -7.90 2.18
C GLN A 22 -0.93 -6.93 3.33
N VAL A 23 0.24 -6.30 3.23
CA VAL A 23 0.70 -5.35 4.27
C VAL A 23 -0.36 -4.27 4.52
N CYS A 24 -1.01 -3.77 3.48
CA CYS A 24 -2.03 -2.75 3.67
C CYS A 24 -3.36 -3.26 4.28
N MET A 25 -3.76 -4.46 3.91
CA MET A 25 -4.83 -5.21 4.61
C MET A 25 -4.48 -5.45 6.09
N GLN A 26 -3.26 -5.95 6.30
CA GLN A 26 -2.65 -6.25 7.62
C GLN A 26 -2.61 -4.98 8.52
N GLU A 27 -2.35 -3.84 7.88
CA GLU A 27 -2.27 -2.47 8.45
C GLU A 27 -3.61 -1.93 8.99
N GLY A 28 -4.72 -2.55 8.59
CA GLY A 28 -6.09 -2.05 8.88
C GLY A 28 -6.56 -0.96 7.91
N TRP A 29 -6.14 -1.09 6.65
CA TRP A 29 -6.50 -0.16 5.56
C TRP A 29 -7.28 -0.85 4.43
N GLY A 30 -6.57 -1.73 3.70
CA GLY A 30 -7.15 -2.55 2.62
C GLY A 30 -6.26 -2.63 1.37
N GLY A 31 -6.83 -2.12 0.29
CA GLY A 31 -6.31 -2.29 -1.08
C GLY A 31 -5.12 -1.36 -1.36
N GLY A 32 -3.95 -1.99 -1.44
CA GLY A 32 -2.68 -1.31 -1.76
C GLY A 32 -2.01 -1.84 -3.04
N ASN A 33 -1.46 -0.89 -3.77
CA ASN A 33 -0.82 -1.08 -5.08
C ASN A 33 0.63 -0.57 -5.05
N CYS A 34 1.47 -1.17 -5.88
CA CYS A 34 2.88 -0.75 -6.01
C CYS A 34 3.00 0.56 -6.81
N ASP A 35 3.76 1.52 -6.26
CA ASP A 35 3.85 2.84 -6.89
C ASP A 35 5.22 3.22 -7.47
N GLY A 36 5.11 4.12 -8.45
CA GLY A 36 6.21 4.89 -9.08
C GLY A 36 7.44 4.05 -9.46
N PRO A 37 8.50 4.06 -8.63
CA PRO A 37 9.75 3.34 -8.93
C PRO A 37 9.74 1.82 -8.63
N LEU A 38 8.55 1.24 -8.48
CA LEU A 38 8.30 -0.19 -8.15
C LEU A 38 8.76 -0.64 -6.74
N ARG A 39 9.05 0.34 -5.90
CA ARG A 39 9.49 0.08 -4.51
C ARG A 39 8.57 0.53 -3.38
N ARG A 40 8.00 1.73 -3.50
CA ARG A 40 7.10 2.29 -2.47
C ARG A 40 5.65 1.85 -2.73
N CYS A 41 4.99 1.46 -1.66
CA CYS A 41 3.62 0.92 -1.69
C CYS A 41 2.62 2.03 -1.32
N LYS A 42 1.59 2.15 -2.16
CA LYS A 42 0.55 3.19 -2.01
C LYS A 42 -0.80 2.48 -1.88
N CYS A 43 -1.53 2.90 -0.86
CA CYS A 43 -2.77 2.23 -0.46
C CYS A 43 -3.96 3.18 -0.36
N MET A 44 -5.13 2.58 -0.54
CA MET A 44 -6.41 3.29 -0.50
C MET A 44 -7.47 2.69 0.41
N ARG A 45 -8.01 3.60 1.22
CA ARG A 45 -9.16 3.37 2.11
C ARG A 45 -10.05 4.63 2.20
N ARG A 46 -11.22 4.40 2.79
CA ARG A 46 -12.21 5.44 3.11
C ARG A 46 -11.69 6.30 4.28
N CYS A 47 -11.68 7.60 4.04
CA CYS A 47 -11.24 8.60 5.05
C CYS A 47 -12.17 9.83 5.18
N ARG A 1 -14.44 9.38 -1.23
CA ARG A 1 -13.01 9.39 -1.63
C ARG A 1 -12.24 8.13 -1.19
N ILE A 2 -11.15 7.87 -1.90
CA ILE A 2 -10.19 6.81 -1.56
C ILE A 2 -8.84 7.49 -1.25
N CYS A 3 -8.48 7.43 0.03
CA CYS A 3 -7.20 7.96 0.51
C CYS A 3 -6.05 7.00 0.20
N ARG A 4 -5.02 7.61 -0.40
CA ARG A 4 -3.75 6.95 -0.71
C ARG A 4 -2.68 7.41 0.28
N ARG A 5 -2.29 6.45 1.12
CA ARG A 5 -1.30 6.68 2.18
C ARG A 5 -0.11 5.73 2.12
N ARG A 6 1.07 6.31 2.29
CA ARG A 6 2.34 5.54 2.33
C ARG A 6 2.39 4.55 3.50
N SER A 7 2.66 3.31 3.11
CA SER A 7 2.58 2.12 3.97
C SER A 7 3.59 2.06 5.13
N ALA A 8 3.05 2.37 6.30
CA ALA A 8 3.75 2.22 7.58
C ALA A 8 3.95 0.73 7.89
N GLY A 9 5.24 0.38 7.98
CA GLY A 9 5.69 -0.99 8.32
C GLY A 9 5.81 -1.94 7.10
N PHE A 10 5.83 -1.37 5.91
CA PHE A 10 6.18 -2.13 4.69
C PHE A 10 7.66 -2.51 4.64
N LYS A 11 7.80 -3.81 4.51
CA LYS A 11 9.10 -4.50 4.45
C LYS A 11 9.41 -5.04 3.06
N GLY A 12 10.40 -4.40 2.47
CA GLY A 12 10.95 -4.80 1.17
C GLY A 12 10.59 -3.79 0.06
N PRO A 13 10.68 -4.23 -1.20
CA PRO A 13 10.26 -3.39 -2.34
C PRO A 13 8.83 -3.73 -2.78
N CYS A 14 8.10 -2.70 -3.19
CA CYS A 14 6.76 -2.91 -3.77
C CYS A 14 6.92 -3.35 -5.23
N VAL A 15 7.01 -4.67 -5.30
CA VAL A 15 7.18 -5.42 -6.56
C VAL A 15 5.85 -5.92 -7.14
N SER A 16 4.91 -6.17 -6.23
CA SER A 16 3.56 -6.62 -6.57
C SER A 16 2.56 -5.84 -5.71
N ASN A 17 1.49 -5.39 -6.36
CA ASN A 17 0.33 -4.83 -5.65
C ASN A 17 -0.20 -5.78 -4.57
N LYS A 18 -0.07 -7.09 -4.78
CA LYS A 18 -0.50 -8.10 -3.80
C LYS A 18 0.33 -8.06 -2.49
N ASN A 19 1.65 -7.93 -2.63
CA ASN A 19 2.58 -7.90 -1.49
C ASN A 19 2.37 -6.65 -0.59
N CYS A 20 2.17 -5.52 -1.27
CA CYS A 20 1.77 -4.24 -0.66
C CYS A 20 0.37 -4.27 -0.03
N ALA A 21 -0.58 -4.92 -0.71
CA ALA A 21 -1.98 -5.09 -0.27
C ALA A 21 -2.12 -5.82 1.08
N GLN A 22 -1.29 -6.84 1.31
CA GLN A 22 -1.26 -7.51 2.62
C GLN A 22 -0.88 -6.52 3.74
N VAL A 23 0.24 -5.82 3.58
CA VAL A 23 0.72 -4.84 4.59
C VAL A 23 -0.32 -3.75 4.86
N CYS A 24 -0.96 -3.29 3.78
CA CYS A 24 -2.12 -2.38 3.87
C CYS A 24 -3.30 -2.93 4.70
N MET A 25 -3.77 -4.14 4.39
CA MET A 25 -4.81 -4.82 5.21
C MET A 25 -4.39 -5.06 6.66
N GLN A 26 -3.14 -5.50 6.80
CA GLN A 26 -2.42 -5.72 8.08
C GLN A 26 -2.41 -4.46 8.98
N GLU A 27 -2.45 -3.30 8.33
CA GLU A 27 -2.47 -1.95 8.93
C GLU A 27 -3.89 -1.42 9.22
N GLY A 28 -4.88 -1.95 8.50
CA GLY A 28 -6.29 -1.51 8.55
C GLY A 28 -6.77 -0.76 7.29
N TRP A 29 -6.06 -0.95 6.17
CA TRP A 29 -6.35 -0.31 4.87
C TRP A 29 -6.77 -1.35 3.83
N GLY A 30 -7.79 -0.97 3.07
CA GLY A 30 -8.55 -1.87 2.14
C GLY A 30 -7.67 -2.69 1.19
N GLY A 31 -6.92 -1.96 0.37
CA GLY A 31 -5.95 -2.51 -0.60
C GLY A 31 -4.67 -1.67 -0.60
N GLY A 32 -3.68 -2.13 -1.36
CA GLY A 32 -2.37 -1.47 -1.48
C GLY A 32 -1.82 -1.55 -2.91
N ASN A 33 -1.02 -0.53 -3.22
CA ASN A 33 -0.60 -0.21 -4.58
C ASN A 33 0.89 0.17 -4.64
N CYS A 34 1.53 -0.30 -5.71
CA CYS A 34 2.94 0.05 -6.00
C CYS A 34 3.05 1.37 -6.74
N ASP A 35 3.71 2.32 -6.08
CA ASP A 35 3.80 3.72 -6.52
C ASP A 35 5.21 4.26 -6.79
N GLY A 36 5.22 5.28 -7.66
CA GLY A 36 6.43 5.98 -8.13
C GLY A 36 7.35 5.04 -8.92
N PRO A 37 8.57 4.74 -8.42
CA PRO A 37 9.46 3.74 -9.02
C PRO A 37 9.11 2.28 -8.64
N LEU A 38 7.80 2.04 -8.47
CA LEU A 38 7.16 0.78 -8.03
C LEU A 38 7.34 0.50 -6.53
N ARG A 39 8.60 0.64 -6.11
CA ARG A 39 9.11 0.39 -4.75
C ARG A 39 8.32 0.92 -3.56
N ARG A 40 7.65 2.07 -3.74
CA ARG A 40 6.88 2.70 -2.66
C ARG A 40 5.47 2.09 -2.59
N CYS A 41 5.21 1.41 -1.49
CA CYS A 41 3.86 0.90 -1.18
C CYS A 41 2.99 2.01 -0.60
N LYS A 42 2.04 2.41 -1.44
CA LYS A 42 0.98 3.36 -1.06
C LYS A 42 -0.30 2.52 -0.91
N CYS A 43 -0.88 2.60 0.27
CA CYS A 43 -2.14 1.92 0.61
C CYS A 43 -3.35 2.76 0.17
N MET A 44 -4.51 2.12 0.18
CA MET A 44 -5.79 2.75 -0.22
C MET A 44 -7.03 2.13 0.46
N ARG A 45 -7.87 3.06 0.92
CA ARG A 45 -9.15 2.74 1.58
C ARG A 45 -10.17 3.89 1.41
N ARG A 46 -11.42 3.52 1.67
CA ARG A 46 -12.55 4.47 1.80
C ARG A 46 -12.19 5.60 2.78
N CYS A 47 -12.43 6.82 2.32
CA CYS A 47 -12.09 8.03 3.07
C CYS A 47 -13.20 9.10 3.06
#